data_5FZV
#
_entry.id   5FZV
#
_cell.length_a   1.000
_cell.length_b   1.000
_cell.length_c   1.000
_cell.angle_alpha   90.00
_cell.angle_beta   90.00
_cell.angle_gamma   90.00
#
_symmetry.space_group_name_H-M   'P 1'
#
_entity_poly.entity_id   1
_entity_poly.type   'polypeptide(L)'
_entity_poly.pdbx_seq_one_letter_code
;GLIESIACIQKGLPCMEHSDCCRGVCEALFCQ
;
_entity_poly.pdbx_strand_id   A
#
# COMPACT_ATOMS: atom_id res chain seq x y z
N GLY A 1 4.99 0.48 5.94
CA GLY A 1 3.63 0.91 6.33
C GLY A 1 3.38 2.36 6.00
N LEU A 2 3.41 3.21 7.03
CA LEU A 2 3.20 4.63 6.85
C LEU A 2 4.44 5.29 6.28
N ILE A 3 4.26 6.09 5.22
CA ILE A 3 5.37 6.78 4.56
C ILE A 3 6.41 5.78 4.06
N GLU A 4 6.00 4.96 3.11
CA GLU A 4 6.89 3.95 2.55
C GLU A 4 7.24 4.30 1.11
N SER A 5 6.35 5.04 0.46
CA SER A 5 6.56 5.49 -0.91
C SER A 5 5.65 6.67 -1.20
N ILE A 6 6.09 7.86 -0.80
CA ILE A 6 5.25 9.06 -0.84
C ILE A 6 4.03 8.82 0.04
N ALA A 7 4.24 8.93 1.36
CA ALA A 7 3.24 8.51 2.33
C ALA A 7 2.97 7.01 2.17
N CYS A 8 1.90 6.52 2.77
CA CYS A 8 1.45 5.17 2.47
C CYS A 8 0.46 5.23 1.32
N ILE A 9 0.36 4.14 0.58
CA ILE A 9 -0.55 4.08 -0.53
C ILE A 9 -1.93 3.69 -0.03
N GLN A 10 -2.90 4.56 -0.28
CA GLN A 10 -4.24 4.42 0.29
C GLN A 10 -5.03 3.32 -0.42
N LYS A 11 -6.08 2.87 0.25
CA LYS A 11 -6.99 1.85 -0.28
C LYS A 11 -7.45 2.19 -1.69
N GLY A 12 -7.30 1.22 -2.59
CA GLY A 12 -7.79 1.38 -3.94
C GLY A 12 -6.72 1.82 -4.91
N LEU A 13 -5.55 2.16 -4.40
CA LEU A 13 -4.46 2.58 -5.26
C LEU A 13 -3.46 1.44 -5.45
N PRO A 14 -2.76 1.42 -6.60
CA PRO A 14 -1.80 0.37 -6.92
C PRO A 14 -0.57 0.40 -6.02
N CYS A 15 -0.15 -0.77 -5.59
CA CYS A 15 1.04 -0.92 -4.76
C CYS A 15 1.81 -2.17 -5.19
N MET A 16 3.09 -2.21 -4.87
CA MET A 16 3.92 -3.34 -5.27
C MET A 16 4.62 -3.94 -4.05
N GLU A 17 4.00 -3.73 -2.90
CA GLU A 17 4.54 -4.19 -1.64
C GLU A 17 3.49 -3.99 -0.55
N HIS A 18 3.42 -4.95 0.37
CA HIS A 18 2.46 -4.89 1.48
C HIS A 18 2.76 -3.70 2.38
N SER A 19 4.03 -3.34 2.44
CA SER A 19 4.47 -2.21 3.25
C SER A 19 4.06 -0.87 2.64
N ASP A 20 3.71 -0.87 1.35
CA ASP A 20 3.27 0.35 0.68
C ASP A 20 1.88 0.76 1.16
N CYS A 21 0.99 -0.21 1.20
CA CYS A 21 -0.39 0.01 1.61
C CYS A 21 -0.48 0.38 3.08
N CYS A 22 -1.32 1.38 3.35
CA CYS A 22 -1.44 1.98 4.68
C CYS A 22 -1.75 0.96 5.77
N ARG A 23 -2.55 -0.06 5.47
CA ARG A 23 -2.86 -1.06 6.48
C ARG A 23 -2.11 -2.37 6.24
N GLY A 24 -1.03 -2.29 5.46
CA GLY A 24 -0.09 -3.40 5.38
C GLY A 24 -0.55 -4.55 4.53
N VAL A 25 -1.57 -4.35 3.70
CA VAL A 25 -2.03 -5.41 2.83
C VAL A 25 -2.18 -4.93 1.39
N CYS A 26 -1.35 -5.47 0.52
CA CYS A 26 -1.38 -5.16 -0.90
C CYS A 26 -1.69 -6.42 -1.67
N GLU A 27 -2.86 -6.47 -2.28
CA GLU A 27 -3.26 -7.65 -3.03
C GLU A 27 -3.73 -7.24 -4.42
N ALA A 28 -3.33 -8.02 -5.43
CA ALA A 28 -3.58 -7.69 -6.83
C ALA A 28 -2.90 -6.38 -7.19
N LEU A 29 -1.82 -6.09 -6.47
CA LEU A 29 -1.07 -4.85 -6.61
C LEU A 29 -1.94 -3.64 -6.29
N PHE A 30 -2.89 -3.81 -5.38
CA PHE A 30 -3.73 -2.72 -4.90
C PHE A 30 -3.89 -2.79 -3.39
N CYS A 31 -3.82 -1.65 -2.75
CA CYS A 31 -4.01 -1.56 -1.30
C CYS A 31 -5.45 -1.89 -0.95
N GLN A 32 -5.64 -2.98 -0.21
CA GLN A 32 -6.96 -3.42 0.17
C GLN A 32 -7.57 -2.45 1.17
N GLY A 1 7.65 -3.29 8.02
CA GLY A 1 7.37 -1.90 8.43
C GLY A 1 6.60 -1.16 7.37
N LEU A 2 5.58 -0.41 7.77
CA LEU A 2 4.75 0.32 6.83
C LEU A 2 5.39 1.65 6.46
N ILE A 3 4.69 2.41 5.62
CA ILE A 3 5.16 3.73 5.19
C ILE A 3 6.45 3.60 4.38
N GLU A 4 6.30 3.02 3.19
CA GLU A 4 7.41 2.90 2.25
C GLU A 4 7.09 3.70 1.00
N SER A 5 6.26 4.71 1.18
CA SER A 5 5.82 5.56 0.09
C SER A 5 5.43 6.91 0.68
N ILE A 6 5.36 7.93 -0.17
CA ILE A 6 5.02 9.28 0.27
C ILE A 6 3.69 9.29 1.01
N ALA A 7 3.78 9.39 2.34
CA ALA A 7 2.62 9.41 3.22
C ALA A 7 1.78 8.15 3.10
N CYS A 8 2.47 7.05 2.76
CA CYS A 8 1.88 5.72 2.51
C CYS A 8 0.74 5.75 1.48
N ILE A 9 0.61 4.65 0.75
CA ILE A 9 -0.40 4.52 -0.29
C ILE A 9 -1.77 4.20 0.32
N GLN A 10 -2.81 4.79 -0.24
CA GLN A 10 -4.15 4.69 0.30
C GLN A 10 -4.89 3.47 -0.26
N LYS A 11 -6.01 3.14 0.38
CA LYS A 11 -6.85 2.02 -0.02
C LYS A 11 -7.33 2.15 -1.46
N GLY A 12 -7.17 1.08 -2.23
CA GLY A 12 -7.69 1.05 -3.57
C GLY A 12 -6.69 1.50 -4.62
N LEU A 13 -5.51 1.92 -4.17
CA LEU A 13 -4.48 2.38 -5.08
C LEU A 13 -3.43 1.30 -5.30
N PRO A 14 -2.72 1.35 -6.44
CA PRO A 14 -1.69 0.36 -6.80
C PRO A 14 -0.54 0.33 -5.81
N CYS A 15 -0.20 -0.86 -5.36
CA CYS A 15 0.94 -1.06 -4.48
C CYS A 15 1.58 -2.41 -4.78
N MET A 16 2.91 -2.45 -4.81
CA MET A 16 3.62 -3.67 -5.21
C MET A 16 4.25 -4.35 -4.00
N GLU A 17 3.95 -3.82 -2.83
CA GLU A 17 4.44 -4.36 -1.58
C GLU A 17 3.52 -3.90 -0.45
N HIS A 18 3.28 -4.78 0.51
CA HIS A 18 2.36 -4.50 1.60
C HIS A 18 2.81 -3.31 2.44
N SER A 19 4.11 -3.06 2.44
CA SER A 19 4.71 -2.06 3.30
C SER A 19 4.34 -0.63 2.90
N ASP A 20 4.28 -0.36 1.60
CA ASP A 20 4.09 1.02 1.13
C ASP A 20 2.65 1.50 1.31
N CYS A 21 1.71 0.60 1.53
CA CYS A 21 0.33 1.01 1.80
C CYS A 21 0.12 1.24 3.29
N CYS A 22 -0.73 2.21 3.60
CA CYS A 22 -1.08 2.54 4.98
C CYS A 22 -1.75 1.35 5.68
N ARG A 23 -2.45 0.53 4.90
CA ARG A 23 -3.22 -0.58 5.44
C ARG A 23 -2.40 -1.86 5.49
N GLY A 24 -1.23 -1.83 4.88
CA GLY A 24 -0.29 -2.93 4.97
C GLY A 24 -0.77 -4.21 4.31
N VAL A 25 -1.72 -4.11 3.40
CA VAL A 25 -2.22 -5.29 2.71
C VAL A 25 -2.45 -5.01 1.22
N CYS A 26 -1.65 -5.67 0.40
CA CYS A 26 -1.71 -5.49 -1.05
C CYS A 26 -2.08 -6.79 -1.74
N GLU A 27 -3.09 -6.74 -2.59
CA GLU A 27 -3.50 -7.88 -3.39
C GLU A 27 -3.79 -7.44 -4.81
N ALA A 28 -3.25 -8.20 -5.78
CA ALA A 28 -3.37 -7.85 -7.20
C ALA A 28 -2.78 -6.48 -7.48
N LEU A 29 -1.76 -6.13 -6.71
CA LEU A 29 -1.08 -4.83 -6.81
C LEU A 29 -2.03 -3.68 -6.48
N PHE A 30 -3.03 -3.97 -5.65
CA PHE A 30 -3.90 -2.94 -5.10
C PHE A 30 -4.05 -3.15 -3.60
N CYS A 31 -4.05 -2.07 -2.84
CA CYS A 31 -4.18 -2.19 -1.40
C CYS A 31 -5.63 -2.45 -1.02
N GLN A 32 -5.85 -3.52 -0.26
CA GLN A 32 -7.19 -3.92 0.15
C GLN A 32 -7.74 -2.98 1.20
N GLY A 1 5.11 -4.40 6.14
CA GLY A 1 4.73 -3.33 7.09
C GLY A 1 3.84 -2.29 6.42
N LEU A 2 4.09 -1.02 6.72
CA LEU A 2 3.34 0.07 6.11
C LEU A 2 4.16 1.36 6.08
N ILE A 3 3.80 2.28 5.19
CA ILE A 3 4.48 3.57 5.06
C ILE A 3 5.95 3.36 4.65
N GLU A 4 6.17 3.12 3.36
CA GLU A 4 7.52 2.91 2.85
C GLU A 4 7.73 3.54 1.48
N SER A 5 6.69 4.14 0.92
CA SER A 5 6.79 4.74 -0.41
C SER A 5 6.06 6.07 -0.45
N ILE A 6 6.71 7.11 0.09
CA ILE A 6 6.11 8.44 0.19
C ILE A 6 4.82 8.34 1.00
N ALA A 7 4.98 8.21 2.32
CA ALA A 7 3.88 7.88 3.20
C ALA A 7 3.33 6.50 2.84
N CYS A 8 2.09 6.21 3.17
CA CYS A 8 1.49 4.98 2.73
C CYS A 8 0.52 5.23 1.57
N ILE A 9 0.28 4.19 0.79
CA ILE A 9 -0.64 4.26 -0.32
C ILE A 9 -2.03 3.88 0.16
N GLN A 10 -3.01 4.71 -0.17
CA GLN A 10 -4.37 4.54 0.34
C GLN A 10 -5.12 3.44 -0.41
N LYS A 11 -6.20 3.00 0.21
CA LYS A 11 -7.07 1.96 -0.33
C LYS A 11 -7.49 2.26 -1.77
N GLY A 12 -7.34 1.26 -2.62
CA GLY A 12 -7.82 1.39 -3.99
C GLY A 12 -6.74 1.82 -4.95
N LEU A 13 -5.57 2.14 -4.42
CA LEU A 13 -4.46 2.54 -5.27
C LEU A 13 -3.43 1.43 -5.40
N PRO A 14 -2.71 1.39 -6.55
CA PRO A 14 -1.73 0.34 -6.83
C PRO A 14 -0.56 0.33 -5.84
N CYS A 15 -0.09 -0.86 -5.53
CA CYS A 15 1.07 -1.07 -4.67
C CYS A 15 1.92 -2.20 -5.23
N MET A 16 3.20 -2.19 -4.92
CA MET A 16 4.10 -3.25 -5.37
C MET A 16 4.66 -4.01 -4.18
N GLU A 17 4.50 -3.43 -3.00
CA GLU A 17 4.94 -4.05 -1.77
C GLU A 17 3.85 -3.87 -0.72
N HIS A 18 3.70 -4.84 0.17
CA HIS A 18 2.71 -4.75 1.25
C HIS A 18 2.89 -3.49 2.07
N SER A 19 4.16 -3.13 2.32
CA SER A 19 4.50 -1.96 3.11
C SER A 19 4.06 -0.66 2.44
N ASP A 20 3.73 -0.71 1.16
CA ASP A 20 3.24 0.48 0.46
C ASP A 20 1.86 0.85 1.00
N CYS A 21 1.00 -0.14 1.12
CA CYS A 21 -0.39 0.06 1.51
C CYS A 21 -0.50 0.48 2.98
N CYS A 22 -1.42 1.41 3.24
CA CYS A 22 -1.65 1.94 4.58
C CYS A 22 -2.06 0.85 5.57
N ARG A 23 -2.75 -0.18 5.11
CA ARG A 23 -3.14 -1.28 6.00
C ARG A 23 -2.13 -2.41 5.94
N GLY A 24 -1.08 -2.23 5.15
CA GLY A 24 -0.05 -3.25 5.02
C GLY A 24 -0.48 -4.41 4.16
N VAL A 25 -1.65 -4.29 3.54
CA VAL A 25 -2.18 -5.37 2.71
C VAL A 25 -2.22 -4.95 1.26
N CYS A 26 -1.44 -5.62 0.44
CA CYS A 26 -1.41 -5.36 -0.99
C CYS A 26 -1.93 -6.60 -1.73
N GLU A 27 -3.08 -6.47 -2.35
CA GLU A 27 -3.68 -7.56 -3.08
C GLU A 27 -4.01 -7.13 -4.50
N ALA A 28 -3.62 -7.96 -5.46
CA ALA A 28 -3.76 -7.64 -6.87
C ALA A 28 -2.97 -6.38 -7.21
N LEU A 29 -1.94 -6.13 -6.40
CA LEU A 29 -1.14 -4.92 -6.49
C LEU A 29 -1.99 -3.68 -6.26
N PHE A 30 -2.98 -3.82 -5.38
CA PHE A 30 -3.79 -2.70 -4.93
C PHE A 30 -3.93 -2.73 -3.40
N CYS A 31 -3.84 -1.57 -2.78
CA CYS A 31 -3.96 -1.45 -1.33
C CYS A 31 -5.38 -1.75 -0.89
N GLN A 32 -5.52 -2.70 0.02
CA GLN A 32 -6.82 -3.04 0.56
C GLN A 32 -7.17 -2.15 1.72
N GLY A 1 2.01 8.86 9.06
CA GLY A 1 2.94 7.70 9.14
C GLY A 1 3.43 7.27 7.77
N LEU A 2 4.69 7.55 7.48
CA LEU A 2 5.28 7.17 6.21
C LEU A 2 5.88 5.78 6.31
N ILE A 3 5.65 4.96 5.28
CA ILE A 3 6.20 3.60 5.26
C ILE A 3 7.13 3.44 4.06
N GLU A 4 6.59 2.96 2.95
CA GLU A 4 7.36 2.86 1.71
C GLU A 4 7.05 4.07 0.84
N SER A 5 6.20 4.92 1.35
CA SER A 5 5.81 6.14 0.67
C SER A 5 5.35 7.16 1.70
N ILE A 6 5.44 8.44 1.36
CA ILE A 6 5.01 9.51 2.25
C ILE A 6 3.52 9.39 2.51
N ALA A 7 3.15 9.19 3.78
CA ALA A 7 1.76 8.96 4.18
C ALA A 7 1.19 7.72 3.48
N CYS A 8 2.11 6.81 3.12
CA CYS A 8 1.79 5.53 2.48
C CYS A 8 0.87 5.68 1.26
N ILE A 9 0.45 4.55 0.71
CA ILE A 9 -0.53 4.51 -0.35
C ILE A 9 -1.89 4.17 0.24
N GLN A 10 -2.94 4.78 -0.29
CA GLN A 10 -4.29 4.59 0.23
C GLN A 10 -4.99 3.40 -0.45
N LYS A 11 -6.12 3.00 0.13
CA LYS A 11 -6.95 1.91 -0.39
C LYS A 11 -7.27 2.08 -1.87
N GLY A 12 -7.26 0.97 -2.60
CA GLY A 12 -7.73 0.98 -3.98
C GLY A 12 -6.69 1.47 -4.95
N LEU A 13 -5.55 1.91 -4.45
CA LEU A 13 -4.50 2.42 -5.29
C LEU A 13 -3.41 1.37 -5.49
N PRO A 14 -2.70 1.43 -6.64
CA PRO A 14 -1.67 0.46 -6.99
C PRO A 14 -0.51 0.42 -6.01
N CYS A 15 -0.16 -0.78 -5.59
CA CYS A 15 0.98 -1.01 -4.72
C CYS A 15 1.73 -2.24 -5.20
N MET A 16 2.97 -2.41 -4.78
CA MET A 16 3.76 -3.57 -5.19
C MET A 16 4.20 -4.36 -3.98
N GLU A 17 4.24 -3.73 -2.82
CA GLU A 17 4.61 -4.39 -1.59
C GLU A 17 3.57 -4.09 -0.52
N HIS A 18 3.36 -5.02 0.42
CA HIS A 18 2.35 -4.83 1.46
C HIS A 18 2.57 -3.52 2.23
N SER A 19 3.83 -3.23 2.52
CA SER A 19 4.20 -2.05 3.29
C SER A 19 3.89 -0.73 2.56
N ASP A 20 3.62 -0.81 1.26
CA ASP A 20 3.29 0.40 0.49
C ASP A 20 2.06 1.08 1.07
N CYS A 21 1.12 0.27 1.54
CA CYS A 21 -0.11 0.79 2.09
C CYS A 21 -0.04 0.75 3.62
N CYS A 22 -0.66 1.73 4.26
CA CYS A 22 -0.65 1.84 5.72
C CYS A 22 -1.25 0.60 6.39
N ARG A 23 -2.15 -0.08 5.70
CA ARG A 23 -2.78 -1.28 6.25
C ARG A 23 -1.89 -2.50 6.10
N GLY A 24 -0.77 -2.34 5.40
CA GLY A 24 0.19 -3.40 5.26
C GLY A 24 -0.33 -4.58 4.46
N VAL A 25 -1.32 -4.33 3.61
CA VAL A 25 -1.87 -5.39 2.79
C VAL A 25 -2.07 -4.93 1.35
N CYS A 26 -1.32 -5.54 0.45
CA CYS A 26 -1.41 -5.27 -0.97
C CYS A 26 -1.83 -6.54 -1.71
N GLU A 27 -2.98 -6.51 -2.34
CA GLU A 27 -3.46 -7.67 -3.10
C GLU A 27 -3.80 -7.25 -4.52
N ALA A 28 -3.32 -8.04 -5.49
CA ALA A 28 -3.51 -7.74 -6.91
C ALA A 28 -2.88 -6.41 -7.27
N LEU A 29 -1.84 -6.04 -6.53
CA LEU A 29 -1.13 -4.77 -6.69
C LEU A 29 -2.07 -3.59 -6.42
N PHE A 30 -3.02 -3.80 -5.52
CA PHE A 30 -3.89 -2.74 -5.03
C PHE A 30 -4.06 -2.89 -3.52
N CYS A 31 -4.08 -1.78 -2.81
CA CYS A 31 -4.25 -1.84 -1.35
C CYS A 31 -5.67 -2.23 -0.99
N GLN A 32 -5.80 -3.17 -0.07
CA GLN A 32 -7.08 -3.61 0.43
C GLN A 32 -7.57 -2.71 1.56
N GLY A 1 3.30 -3.45 7.20
CA GLY A 1 4.25 -2.31 7.31
C GLY A 1 3.74 -1.09 6.58
N LEU A 2 4.36 0.06 6.86
CA LEU A 2 3.96 1.31 6.21
C LEU A 2 5.20 2.03 5.68
N ILE A 3 4.95 3.05 4.86
CA ILE A 3 6.02 3.93 4.36
C ILE A 3 7.05 3.15 3.55
N GLU A 4 6.79 2.99 2.25
CA GLU A 4 7.71 2.29 1.39
C GLU A 4 8.08 3.16 0.20
N SER A 5 7.08 3.51 -0.59
CA SER A 5 7.30 4.32 -1.77
C SER A 5 6.93 5.78 -1.52
N ILE A 6 7.57 6.37 -0.50
CA ILE A 6 7.27 7.72 -0.07
C ILE A 6 5.86 7.78 0.51
N ALA A 7 5.78 7.75 1.84
CA ALA A 7 4.50 7.66 2.55
C ALA A 7 3.83 6.32 2.24
N CYS A 8 2.68 6.08 2.83
CA CYS A 8 1.94 4.87 2.54
C CYS A 8 0.81 5.16 1.56
N ILE A 9 0.47 4.17 0.76
CA ILE A 9 -0.51 4.30 -0.31
C ILE A 9 -1.92 4.09 0.19
N GLN A 10 -2.85 4.86 -0.38
CA GLN A 10 -4.23 4.88 0.03
C GLN A 10 -4.98 3.65 -0.48
N LYS A 11 -6.10 3.34 0.17
CA LYS A 11 -6.90 2.18 -0.13
C LYS A 11 -7.49 2.26 -1.54
N GLY A 12 -7.31 1.20 -2.31
CA GLY A 12 -7.84 1.16 -3.66
C GLY A 12 -6.83 1.54 -4.72
N LEU A 13 -5.67 2.02 -4.29
CA LEU A 13 -4.64 2.50 -5.22
C LEU A 13 -3.59 1.43 -5.46
N PRO A 14 -2.87 1.51 -6.60
CA PRO A 14 -1.84 0.53 -6.98
C PRO A 14 -0.67 0.47 -5.99
N CYS A 15 -0.31 -0.75 -5.63
CA CYS A 15 0.81 -1.01 -4.73
C CYS A 15 1.64 -2.17 -5.27
N MET A 16 2.78 -2.43 -4.66
CA MET A 16 3.60 -3.57 -5.06
C MET A 16 4.06 -4.39 -3.85
N GLU A 17 4.27 -3.73 -2.72
CA GLU A 17 4.65 -4.40 -1.49
C GLU A 17 3.63 -4.08 -0.41
N HIS A 18 3.46 -4.99 0.54
CA HIS A 18 2.52 -4.79 1.65
C HIS A 18 2.86 -3.54 2.46
N SER A 19 4.14 -3.20 2.47
CA SER A 19 4.61 -2.03 3.19
C SER A 19 4.19 -0.73 2.52
N ASP A 20 3.78 -0.82 1.25
CA ASP A 20 3.33 0.36 0.52
C ASP A 20 2.05 0.90 1.13
N CYS A 21 1.10 0.00 1.36
CA CYS A 21 -0.22 0.38 1.82
C CYS A 21 -0.25 0.69 3.31
N CYS A 22 -0.97 1.75 3.67
CA CYS A 22 -1.11 2.18 5.06
C CYS A 22 -1.66 1.06 5.94
N ARG A 23 -2.55 0.26 5.38
CA ARG A 23 -3.16 -0.84 6.12
C ARG A 23 -2.33 -2.12 6.03
N GLY A 24 -1.12 -1.99 5.49
CA GLY A 24 -0.16 -3.10 5.49
C GLY A 24 -0.52 -4.25 4.58
N VAL A 25 -1.58 -4.12 3.81
CA VAL A 25 -2.00 -5.20 2.93
C VAL A 25 -2.10 -4.74 1.48
N CYS A 26 -1.31 -5.38 0.63
CA CYS A 26 -1.36 -5.13 -0.81
C CYS A 26 -1.82 -6.40 -1.51
N GLU A 27 -2.87 -6.30 -2.31
CA GLU A 27 -3.42 -7.46 -3.00
C GLU A 27 -3.67 -7.15 -4.47
N ALA A 28 -3.14 -7.99 -5.35
CA ALA A 28 -3.27 -7.81 -6.79
C ALA A 28 -2.71 -6.46 -7.22
N LEU A 29 -1.68 -6.02 -6.51
CA LEU A 29 -1.04 -4.74 -6.75
C LEU A 29 -2.01 -3.58 -6.49
N PHE A 30 -2.98 -3.81 -5.62
CA PHE A 30 -3.89 -2.77 -5.16
C PHE A 30 -4.12 -2.89 -3.67
N CYS A 31 -4.05 -1.78 -2.97
CA CYS A 31 -4.27 -1.75 -1.53
C CYS A 31 -5.72 -2.12 -1.22
N GLN A 32 -5.89 -3.24 -0.52
CA GLN A 32 -7.21 -3.82 -0.23
C GLN A 32 -8.20 -2.77 0.27
N GLY A 1 3.81 -4.04 8.21
CA GLY A 1 4.43 -2.68 8.20
C GLY A 1 3.72 -1.76 7.24
N LEU A 2 4.09 -0.49 7.27
CA LEU A 2 3.46 0.50 6.41
C LEU A 2 4.35 1.73 6.23
N ILE A 3 3.92 2.64 5.36
CA ILE A 3 4.65 3.89 5.11
C ILE A 3 5.98 3.60 4.42
N GLU A 4 5.89 3.05 3.22
CA GLU A 4 7.07 2.73 2.43
C GLU A 4 6.97 3.36 1.04
N SER A 5 6.13 4.38 0.91
CA SER A 5 5.94 5.04 -0.38
C SER A 5 5.20 6.37 -0.20
N ILE A 6 5.97 7.40 0.18
CA ILE A 6 5.45 8.77 0.36
C ILE A 6 4.20 8.79 1.26
N ALA A 7 4.43 8.75 2.57
CA ALA A 7 3.36 8.74 3.57
C ALA A 7 2.38 7.61 3.31
N CYS A 8 2.90 6.51 2.78
CA CYS A 8 2.13 5.32 2.42
C CYS A 8 1.12 5.61 1.30
N ILE A 9 0.72 4.56 0.62
CA ILE A 9 -0.28 4.65 -0.43
C ILE A 9 -1.66 4.45 0.14
N GLN A 10 -2.64 5.15 -0.41
CA GLN A 10 -4.01 5.09 0.07
C GLN A 10 -4.69 3.80 -0.37
N LYS A 11 -5.71 3.42 0.37
CA LYS A 11 -6.47 2.21 0.12
C LYS A 11 -7.17 2.26 -1.23
N GLY A 12 -7.07 1.18 -1.99
CA GLY A 12 -7.71 1.11 -3.28
C GLY A 12 -6.79 1.53 -4.41
N LEU A 13 -5.58 1.96 -4.08
CA LEU A 13 -4.64 2.43 -5.09
C LEU A 13 -3.55 1.39 -5.35
N PRO A 14 -2.93 1.44 -6.54
CA PRO A 14 -1.87 0.50 -6.94
C PRO A 14 -0.67 0.51 -5.99
N CYS A 15 -0.20 -0.68 -5.66
CA CYS A 15 0.97 -0.86 -4.81
C CYS A 15 1.70 -2.13 -5.24
N MET A 16 2.90 -2.36 -4.72
CA MET A 16 3.64 -3.55 -5.10
C MET A 16 4.00 -4.40 -3.87
N GLU A 17 4.09 -3.75 -2.72
CA GLU A 17 4.43 -4.45 -1.48
C GLU A 17 3.36 -4.16 -0.43
N HIS A 18 3.16 -5.07 0.52
CA HIS A 18 2.13 -4.90 1.55
C HIS A 18 2.35 -3.62 2.34
N SER A 19 3.60 -3.36 2.70
CA SER A 19 3.96 -2.22 3.52
C SER A 19 3.78 -0.87 2.79
N ASP A 20 3.60 -0.91 1.47
CA ASP A 20 3.43 0.31 0.68
C ASP A 20 2.21 1.08 1.15
N CYS A 21 1.19 0.34 1.55
CA CYS A 21 -0.08 0.94 1.94
C CYS A 21 -0.22 0.98 3.45
N CYS A 22 -0.87 2.02 3.97
CA CYS A 22 -1.15 2.12 5.40
C CYS A 22 -2.03 0.98 5.88
N ARG A 23 -2.72 0.34 4.95
CA ARG A 23 -3.54 -0.83 5.25
C ARG A 23 -2.68 -2.05 5.56
N GLY A 24 -1.42 -1.99 5.15
CA GLY A 24 -0.50 -3.09 5.41
C GLY A 24 -0.77 -4.30 4.55
N VAL A 25 -1.68 -4.15 3.60
CA VAL A 25 -2.06 -5.26 2.74
C VAL A 25 -2.18 -4.83 1.29
N CYS A 26 -1.31 -5.37 0.45
CA CYS A 26 -1.35 -5.13 -0.97
C CYS A 26 -1.58 -6.45 -1.70
N GLU A 27 -2.68 -6.55 -2.42
CA GLU A 27 -3.00 -7.76 -3.15
C GLU A 27 -3.44 -7.41 -4.55
N ALA A 28 -2.96 -8.18 -5.53
CA ALA A 28 -3.23 -7.91 -6.95
C ALA A 28 -2.70 -6.54 -7.34
N LEU A 29 -1.66 -6.10 -6.64
CA LEU A 29 -1.03 -4.80 -6.86
C LEU A 29 -1.98 -3.65 -6.51
N PHE A 30 -2.97 -3.93 -5.68
CA PHE A 30 -3.87 -2.90 -5.19
C PHE A 30 -4.07 -3.06 -3.69
N CYS A 31 -4.04 -1.94 -2.99
CA CYS A 31 -4.22 -1.96 -1.55
C CYS A 31 -5.66 -2.29 -1.19
N GLN A 32 -5.82 -3.29 -0.33
CA GLN A 32 -7.15 -3.76 0.06
C GLN A 32 -7.77 -2.87 1.13
N GLY A 1 7.82 -0.76 8.60
CA GLY A 1 6.36 -0.84 8.81
C GLY A 1 5.58 -0.49 7.56
N LEU A 2 4.99 0.69 7.54
CA LEU A 2 4.22 1.15 6.39
C LEU A 2 4.93 2.32 5.73
N ILE A 3 4.35 2.82 4.64
CA ILE A 3 4.86 3.99 3.92
C ILE A 3 6.10 3.62 3.10
N GLU A 4 5.96 3.67 1.79
CA GLU A 4 7.07 3.35 0.91
C GLU A 4 7.85 4.61 0.50
N SER A 5 7.16 5.73 0.46
CA SER A 5 7.79 7.01 0.14
C SER A 5 6.84 8.18 0.42
N ILE A 6 6.90 8.71 1.63
CA ILE A 6 6.08 9.84 2.05
C ILE A 6 4.60 9.50 1.99
N ALA A 7 4.04 9.13 3.14
CA ALA A 7 2.66 8.67 3.27
C ALA A 7 2.46 7.31 2.59
N CYS A 8 1.68 6.46 3.22
CA CYS A 8 1.40 5.14 2.68
C CYS A 8 0.39 5.25 1.54
N ILE A 9 0.35 4.24 0.70
CA ILE A 9 -0.55 4.23 -0.44
C ILE A 9 -1.97 3.91 0.00
N GLN A 10 -2.89 4.76 -0.40
CA GLN A 10 -4.27 4.69 0.04
C GLN A 10 -5.00 3.50 -0.57
N LYS A 11 -6.07 3.09 0.11
CA LYS A 11 -6.91 2.00 -0.34
C LYS A 11 -7.41 2.25 -1.76
N GLY A 12 -7.26 1.26 -2.62
CA GLY A 12 -7.75 1.35 -3.98
C GLY A 12 -6.69 1.81 -4.96
N LEU A 13 -5.53 2.19 -4.45
CA LEU A 13 -4.45 2.65 -5.31
C LEU A 13 -3.43 1.55 -5.53
N PRO A 14 -2.72 1.59 -6.67
CA PRO A 14 -1.72 0.57 -7.03
C PRO A 14 -0.53 0.54 -6.08
N CYS A 15 -0.18 -0.67 -5.66
CA CYS A 15 0.98 -0.89 -4.79
C CYS A 15 1.69 -2.17 -5.21
N MET A 16 2.89 -2.41 -4.69
CA MET A 16 3.63 -3.61 -5.05
C MET A 16 3.98 -4.44 -3.82
N GLU A 17 4.13 -3.80 -2.68
CA GLU A 17 4.53 -4.50 -1.46
C GLU A 17 3.55 -4.20 -0.32
N HIS A 18 3.52 -5.07 0.70
CA HIS A 18 2.65 -4.88 1.86
C HIS A 18 2.83 -3.49 2.47
N SER A 19 4.09 -3.14 2.70
CA SER A 19 4.44 -1.89 3.36
C SER A 19 3.96 -0.66 2.60
N ASP A 20 3.74 -0.81 1.29
CA ASP A 20 3.26 0.30 0.47
C ASP A 20 1.88 0.74 0.94
N CYS A 21 1.01 -0.24 1.13
CA CYS A 21 -0.40 -0.01 1.42
C CYS A 21 -0.60 0.34 2.89
N CYS A 22 -1.44 1.36 3.12
CA CYS A 22 -1.80 1.80 4.47
C CYS A 22 -2.39 0.66 5.31
N ARG A 23 -2.99 -0.31 4.63
CA ARG A 23 -3.58 -1.45 5.32
C ARG A 23 -2.50 -2.45 5.72
N GLY A 24 -1.32 -2.33 5.12
CA GLY A 24 -0.23 -3.25 5.41
C GLY A 24 -0.32 -4.50 4.56
N VAL A 25 -1.27 -4.50 3.65
CA VAL A 25 -1.50 -5.64 2.78
C VAL A 25 -1.85 -5.17 1.37
N CYS A 26 -1.05 -5.59 0.41
CA CYS A 26 -1.24 -5.21 -0.98
C CYS A 26 -1.64 -6.42 -1.79
N GLU A 27 -2.87 -6.42 -2.28
CA GLU A 27 -3.41 -7.57 -2.99
C GLU A 27 -3.81 -7.18 -4.41
N ALA A 28 -3.37 -7.97 -5.38
CA ALA A 28 -3.60 -7.69 -6.80
C ALA A 28 -2.97 -6.37 -7.19
N LEU A 29 -1.88 -6.03 -6.50
CA LEU A 29 -1.18 -4.77 -6.68
C LEU A 29 -2.08 -3.57 -6.37
N PHE A 30 -3.04 -3.78 -5.49
CA PHE A 30 -3.89 -2.71 -4.99
C PHE A 30 -3.99 -2.76 -3.49
N CYS A 31 -3.94 -1.60 -2.85
CA CYS A 31 -4.10 -1.51 -1.42
C CYS A 31 -5.54 -1.88 -1.05
N GLN A 32 -5.69 -2.96 -0.30
CA GLN A 32 -7.00 -3.56 -0.04
C GLN A 32 -7.97 -2.54 0.57
N GLY A 1 8.63 -1.52 8.78
CA GLY A 1 8.47 -1.61 7.31
C GLY A 1 7.15 -1.02 6.85
N LEU A 2 7.19 0.26 6.51
CA LEU A 2 5.99 0.96 6.04
C LEU A 2 6.42 2.21 5.28
N ILE A 3 5.48 2.84 4.57
CA ILE A 3 5.73 4.10 3.86
C ILE A 3 6.56 3.88 2.60
N GLU A 4 5.89 3.93 1.46
CA GLU A 4 6.55 3.89 0.16
C GLU A 4 6.05 5.06 -0.68
N SER A 5 5.52 6.05 0.03
CA SER A 5 4.91 7.22 -0.58
C SER A 5 4.57 8.21 0.53
N ILE A 6 4.34 9.46 0.15
CA ILE A 6 3.98 10.49 1.14
C ILE A 6 2.66 10.13 1.80
N ALA A 7 2.72 9.88 3.11
CA ALA A 7 1.55 9.40 3.86
C ALA A 7 1.07 8.06 3.32
N CYS A 8 2.04 7.21 2.98
CA CYS A 8 1.81 5.87 2.41
C CYS A 8 0.90 5.93 1.18
N ILE A 9 0.64 4.77 0.58
CA ILE A 9 -0.29 4.67 -0.52
C ILE A 9 -1.68 4.38 0.01
N GLN A 10 -2.67 5.10 -0.51
CA GLN A 10 -4.04 4.99 -0.03
C GLN A 10 -4.70 3.69 -0.48
N LYS A 11 -5.67 3.25 0.29
CA LYS A 11 -6.42 2.03 0.01
C LYS A 11 -7.19 2.15 -1.30
N GLY A 12 -7.09 1.13 -2.14
CA GLY A 12 -7.73 1.17 -3.43
C GLY A 12 -6.78 1.58 -4.53
N LEU A 13 -5.59 1.99 -4.16
CA LEU A 13 -4.59 2.44 -5.12
C LEU A 13 -3.54 1.34 -5.32
N PRO A 14 -2.83 1.37 -6.47
CA PRO A 14 -1.81 0.39 -6.80
C PRO A 14 -0.61 0.41 -5.84
N CYS A 15 -0.21 -0.77 -5.41
CA CYS A 15 0.95 -0.92 -4.53
C CYS A 15 1.60 -2.26 -4.80
N MET A 16 2.93 -2.29 -4.81
CA MET A 16 3.64 -3.50 -5.21
C MET A 16 4.10 -4.29 -3.99
N GLU A 17 4.01 -3.70 -2.81
CA GLU A 17 4.36 -4.39 -1.58
C GLU A 17 3.38 -4.00 -0.47
N HIS A 18 3.14 -4.92 0.44
CA HIS A 18 2.21 -4.71 1.55
C HIS A 18 2.52 -3.41 2.30
N SER A 19 3.81 -3.20 2.59
CA SER A 19 4.26 -2.06 3.39
C SER A 19 4.01 -0.71 2.72
N ASP A 20 3.72 -0.73 1.43
CA ASP A 20 3.51 0.50 0.67
C ASP A 20 2.26 1.23 1.17
N CYS A 21 1.28 0.45 1.59
CA CYS A 21 0.00 0.99 2.01
C CYS A 21 -0.13 0.92 3.53
N CYS A 22 -0.76 1.93 4.12
CA CYS A 22 -1.00 1.96 5.56
C CYS A 22 -1.86 0.79 6.01
N ARG A 23 -2.62 0.22 5.08
CA ARG A 23 -3.44 -0.96 5.35
C ARG A 23 -2.57 -2.20 5.52
N GLY A 24 -1.33 -2.12 5.05
CA GLY A 24 -0.38 -3.20 5.22
C GLY A 24 -0.73 -4.45 4.42
N VAL A 25 -1.71 -4.32 3.53
CA VAL A 25 -2.13 -5.47 2.74
C VAL A 25 -2.37 -5.07 1.28
N CYS A 26 -1.54 -5.61 0.41
CA CYS A 26 -1.65 -5.36 -1.01
C CYS A 26 -1.92 -6.67 -1.76
N GLU A 27 -3.02 -6.70 -2.50
CA GLU A 27 -3.33 -7.87 -3.33
C GLU A 27 -3.68 -7.41 -4.74
N ALA A 28 -3.19 -8.15 -5.73
CA ALA A 28 -3.38 -7.80 -7.14
C ALA A 28 -2.75 -6.44 -7.44
N LEU A 29 -1.72 -6.11 -6.66
CA LEU A 29 -1.03 -4.84 -6.75
C LEU A 29 -1.95 -3.68 -6.41
N PHE A 30 -2.94 -3.94 -5.57
CA PHE A 30 -3.81 -2.90 -5.05
C PHE A 30 -3.98 -3.07 -3.55
N CYS A 31 -3.99 -1.95 -2.84
CA CYS A 31 -4.19 -1.98 -1.40
C CYS A 31 -5.65 -2.24 -1.08
N GLN A 32 -5.90 -3.22 -0.23
CA GLN A 32 -7.27 -3.62 0.09
C GLN A 32 -7.66 -3.12 1.47
N GLY A 1 8.51 -3.28 8.68
CA GLY A 1 8.52 -1.90 8.14
C GLY A 1 7.38 -1.66 7.18
N LEU A 2 6.47 -0.79 7.54
CA LEU A 2 5.38 -0.40 6.66
C LEU A 2 5.55 1.06 6.25
N ILE A 3 4.67 1.54 5.37
CA ILE A 3 4.72 2.91 4.91
C ILE A 3 5.96 3.14 4.05
N GLU A 4 5.87 2.73 2.78
CA GLU A 4 6.98 2.91 1.84
C GLU A 4 6.78 4.19 1.02
N SER A 5 5.77 4.95 1.38
CA SER A 5 5.43 6.17 0.68
C SER A 5 4.85 7.16 1.68
N ILE A 6 4.80 8.43 1.31
CA ILE A 6 4.29 9.48 2.19
C ILE A 6 2.86 9.16 2.61
N ALA A 7 2.70 8.84 3.90
CA ALA A 7 1.41 8.48 4.48
C ALA A 7 0.83 7.23 3.82
N CYS A 8 1.72 6.42 3.28
CA CYS A 8 1.37 5.11 2.66
C CYS A 8 0.49 5.31 1.44
N ILE A 9 0.16 4.20 0.79
CA ILE A 9 -0.74 4.22 -0.35
C ILE A 9 -2.18 4.01 0.10
N GLN A 10 -3.06 4.87 -0.38
CA GLN A 10 -4.46 4.86 0.02
C GLN A 10 -5.20 3.69 -0.61
N LYS A 11 -6.36 3.37 -0.03
CA LYS A 11 -7.20 2.27 -0.46
C LYS A 11 -7.60 2.42 -1.93
N GLY A 12 -7.36 1.38 -2.71
CA GLY A 12 -7.80 1.37 -4.09
C GLY A 12 -6.72 1.80 -5.06
N LEU A 13 -5.55 2.15 -4.56
CA LEU A 13 -4.46 2.57 -5.42
C LEU A 13 -3.44 1.43 -5.58
N PRO A 14 -2.74 1.39 -6.73
CA PRO A 14 -1.77 0.34 -7.02
C PRO A 14 -0.54 0.39 -6.12
N CYS A 15 -0.03 -0.77 -5.77
CA CYS A 15 1.17 -0.89 -4.96
C CYS A 15 2.16 -1.81 -5.66
N MET A 16 3.36 -1.95 -5.09
CA MET A 16 4.31 -2.94 -5.58
C MET A 16 4.85 -3.78 -4.43
N GLU A 17 4.46 -3.41 -3.21
CA GLU A 17 4.87 -4.15 -2.02
C GLU A 17 3.80 -3.97 -0.94
N HIS A 18 3.67 -4.96 -0.07
CA HIS A 18 2.66 -4.94 0.99
C HIS A 18 2.86 -3.74 1.92
N SER A 19 4.11 -3.41 2.17
CA SER A 19 4.45 -2.30 3.05
C SER A 19 4.00 -0.95 2.51
N ASP A 20 3.66 -0.90 1.23
CA ASP A 20 3.17 0.35 0.63
C ASP A 20 1.91 0.84 1.33
N CYS A 21 1.01 -0.09 1.61
CA CYS A 21 -0.28 0.24 2.19
C CYS A 21 -0.18 0.38 3.71
N CYS A 22 -0.97 1.28 4.29
CA CYS A 22 -0.94 1.54 5.73
C CYS A 22 -1.16 0.27 6.55
N ARG A 23 -2.09 -0.58 6.12
CA ARG A 23 -2.42 -1.78 6.87
C ARG A 23 -1.44 -2.93 6.58
N GLY A 24 -0.49 -2.66 5.70
CA GLY A 24 0.51 -3.66 5.36
C GLY A 24 -0.03 -4.76 4.47
N VAL A 25 -1.27 -4.62 4.04
CA VAL A 25 -1.89 -5.61 3.18
C VAL A 25 -2.26 -5.00 1.84
N CYS A 26 -1.61 -5.51 0.80
CA CYS A 26 -1.92 -5.14 -0.56
C CYS A 26 -2.40 -6.37 -1.31
N GLU A 27 -3.40 -6.22 -2.16
CA GLU A 27 -3.95 -7.36 -2.88
C GLU A 27 -4.04 -7.05 -4.37
N ALA A 28 -3.42 -7.91 -5.18
CA ALA A 28 -3.39 -7.75 -6.63
C ALA A 28 -2.74 -6.42 -7.02
N LEU A 29 -1.70 -6.07 -6.27
CA LEU A 29 -0.99 -4.80 -6.45
C LEU A 29 -1.93 -3.61 -6.29
N PHE A 30 -2.95 -3.77 -5.47
CA PHE A 30 -3.82 -2.67 -5.08
C PHE A 30 -4.07 -2.72 -3.58
N CYS A 31 -3.89 -1.59 -2.92
CA CYS A 31 -4.13 -1.51 -1.49
C CYS A 31 -5.59 -1.82 -1.20
N GLN A 32 -5.82 -2.85 -0.39
CA GLN A 32 -7.15 -3.32 -0.05
C GLN A 32 -8.06 -2.17 0.40
N GLY A 1 5.15 -1.38 8.23
CA GLY A 1 4.32 -0.85 7.12
C GLY A 1 4.21 0.65 7.18
N LEU A 2 3.73 1.25 6.08
CA LEU A 2 3.54 2.69 5.97
C LEU A 2 4.87 3.44 5.97
N ILE A 3 4.79 4.76 5.80
CA ILE A 3 5.96 5.62 5.71
C ILE A 3 6.85 5.19 4.55
N GLU A 4 6.43 5.54 3.34
CA GLU A 4 7.14 5.12 2.14
C GLU A 4 6.88 6.11 1.01
N SER A 5 5.61 6.38 0.75
CA SER A 5 5.23 7.33 -0.29
C SER A 5 3.91 8.00 0.07
N ILE A 6 3.96 9.32 0.28
CA ILE A 6 2.79 10.10 0.66
C ILE A 6 2.18 9.51 1.94
N ALA A 7 3.04 9.33 2.95
CA ALA A 7 2.69 8.68 4.21
C ALA A 7 2.46 7.18 4.02
N CYS A 8 1.73 6.84 2.97
CA CYS A 8 1.46 5.47 2.59
C CYS A 8 0.52 5.47 1.37
N ILE A 9 0.47 4.36 0.66
CA ILE A 9 -0.44 4.22 -0.47
C ILE A 9 -1.79 3.74 0.03
N GLN A 10 -2.81 4.56 -0.16
CA GLN A 10 -4.10 4.32 0.46
C GLN A 10 -4.95 3.33 -0.33
N LYS A 11 -5.99 2.84 0.34
CA LYS A 11 -6.90 1.83 -0.19
C LYS A 11 -7.37 2.13 -1.62
N GLY A 12 -7.23 1.15 -2.49
CA GLY A 12 -7.71 1.29 -3.84
C GLY A 12 -6.62 1.67 -4.82
N LEU A 13 -5.47 2.10 -4.31
CA LEU A 13 -4.38 2.52 -5.15
C LEU A 13 -3.36 1.40 -5.32
N PRO A 14 -2.65 1.38 -6.47
CA PRO A 14 -1.66 0.35 -6.78
C PRO A 14 -0.47 0.35 -5.82
N CYS A 15 -0.08 -0.85 -5.40
CA CYS A 15 1.09 -1.02 -4.54
C CYS A 15 1.71 -2.39 -4.81
N MET A 16 3.02 -2.41 -4.99
CA MET A 16 3.72 -3.66 -5.33
C MET A 16 4.28 -4.31 -4.07
N GLU A 17 4.25 -3.57 -2.97
CA GLU A 17 4.71 -4.07 -1.68
C GLU A 17 3.70 -3.70 -0.61
N HIS A 18 3.47 -4.64 0.31
CA HIS A 18 2.45 -4.52 1.34
C HIS A 18 2.77 -3.36 2.28
N SER A 19 4.06 -3.06 2.41
CA SER A 19 4.53 -1.97 3.26
C SER A 19 4.01 -0.62 2.79
N ASP A 20 3.96 -0.43 1.47
CA ASP A 20 3.49 0.83 0.89
C ASP A 20 2.06 1.12 1.30
N CYS A 21 1.22 0.10 1.20
CA CYS A 21 -0.21 0.22 1.47
C CYS A 21 -0.49 0.62 2.92
N CYS A 22 -1.32 1.65 3.08
CA CYS A 22 -1.76 2.13 4.40
C CYS A 22 -2.41 1.01 5.19
N ARG A 23 -3.05 0.09 4.48
CA ARG A 23 -3.72 -1.05 5.09
C ARG A 23 -2.72 -2.16 5.45
N GLY A 24 -1.53 -2.07 4.87
CA GLY A 24 -0.51 -3.07 5.13
C GLY A 24 -0.73 -4.33 4.31
N VAL A 25 -1.73 -4.31 3.44
CA VAL A 25 -2.07 -5.47 2.64
C VAL A 25 -2.28 -5.09 1.18
N CYS A 26 -1.44 -5.63 0.33
CA CYS A 26 -1.52 -5.39 -1.10
C CYS A 26 -1.90 -6.68 -1.83
N GLU A 27 -3.08 -6.69 -2.40
CA GLU A 27 -3.55 -7.84 -3.16
C GLU A 27 -3.92 -7.41 -4.57
N ALA A 28 -3.44 -8.14 -5.56
CA ALA A 28 -3.60 -7.78 -6.97
C ALA A 28 -2.96 -6.43 -7.25
N LEU A 29 -1.90 -6.14 -6.49
CA LEU A 29 -1.14 -4.90 -6.61
C LEU A 29 -1.99 -3.69 -6.24
N PHE A 30 -2.97 -3.89 -5.36
CA PHE A 30 -3.78 -2.80 -4.85
C PHE A 30 -3.88 -2.86 -3.33
N CYS A 31 -3.85 -1.69 -2.71
CA CYS A 31 -3.97 -1.57 -1.26
C CYS A 31 -5.40 -1.93 -0.85
N GLN A 32 -5.54 -3.00 -0.08
CA GLN A 32 -6.85 -3.54 0.26
C GLN A 32 -7.42 -2.89 1.51
N GLY A 1 -0.02 8.92 -0.49
CA GLY A 1 1.31 9.13 -1.13
C GLY A 1 1.73 7.93 -1.95
N LEU A 2 3.03 7.81 -2.22
CA LEU A 2 3.55 6.69 -2.99
C LEU A 2 4.74 6.05 -2.27
N ILE A 3 4.71 6.12 -0.94
CA ILE A 3 5.77 5.55 -0.13
C ILE A 3 5.18 4.65 0.95
N GLU A 4 6.04 3.92 1.65
CA GLU A 4 5.59 2.93 2.61
C GLU A 4 5.68 3.46 4.04
N SER A 5 5.81 4.76 4.19
CA SER A 5 5.90 5.37 5.50
C SER A 5 5.28 6.76 5.49
N ILE A 6 4.44 7.03 6.48
CA ILE A 6 3.76 8.33 6.60
C ILE A 6 2.75 8.51 5.47
N ALA A 7 3.26 8.89 4.30
CA ALA A 7 2.42 9.10 3.14
C ALA A 7 2.27 7.81 2.35
N CYS A 8 1.71 6.81 3.02
CA CYS A 8 1.52 5.49 2.44
C CYS A 8 0.54 5.54 1.27
N ILE A 9 0.44 4.43 0.55
CA ILE A 9 -0.50 4.32 -0.54
C ILE A 9 -1.84 3.85 0.01
N GLN A 10 -2.86 4.66 -0.19
CA GLN A 10 -4.14 4.43 0.45
C GLN A 10 -4.95 3.34 -0.24
N LYS A 11 -5.96 2.86 0.47
CA LYS A 11 -6.91 1.89 -0.03
C LYS A 11 -7.45 2.29 -1.41
N GLY A 12 -7.36 1.37 -2.35
CA GLY A 12 -7.90 1.61 -3.67
C GLY A 12 -6.84 2.01 -4.69
N LEU A 13 -5.61 2.13 -4.24
CA LEU A 13 -4.53 2.53 -5.13
C LEU A 13 -3.48 1.42 -5.26
N PRO A 14 -2.74 1.40 -6.38
CA PRO A 14 -1.75 0.36 -6.67
C PRO A 14 -0.55 0.40 -5.73
N CYS A 15 -0.13 -0.77 -5.28
CA CYS A 15 1.04 -0.92 -4.43
C CYS A 15 1.74 -2.24 -4.76
N MET A 16 3.06 -2.20 -4.92
CA MET A 16 3.79 -3.38 -5.34
C MET A 16 4.31 -4.17 -4.14
N GLU A 17 4.48 -3.50 -3.01
CA GLU A 17 4.85 -4.18 -1.79
C GLU A 17 3.81 -3.86 -0.73
N HIS A 18 3.47 -4.86 0.09
CA HIS A 18 2.46 -4.74 1.13
C HIS A 18 2.74 -3.56 2.06
N SER A 19 4.01 -3.23 2.22
CA SER A 19 4.43 -2.13 3.08
C SER A 19 3.91 -0.79 2.58
N ASP A 20 3.74 -0.66 1.27
CA ASP A 20 3.32 0.60 0.65
C ASP A 20 1.90 0.94 1.04
N CYS A 21 1.05 -0.08 1.09
CA CYS A 21 -0.35 0.10 1.44
C CYS A 21 -0.50 0.53 2.89
N CYS A 22 -1.33 1.56 3.09
CA CYS A 22 -1.60 2.11 4.43
C CYS A 22 -2.10 1.04 5.41
N ARG A 23 -2.78 0.01 4.89
CA ARG A 23 -3.26 -1.07 5.76
C ARG A 23 -2.29 -2.24 5.79
N GLY A 24 -1.18 -2.11 5.05
CA GLY A 24 -0.15 -3.12 5.07
C GLY A 24 -0.50 -4.36 4.27
N VAL A 25 -1.57 -4.28 3.50
CA VAL A 25 -2.01 -5.42 2.72
C VAL A 25 -2.31 -5.05 1.27
N CYS A 26 -1.54 -5.63 0.37
CA CYS A 26 -1.68 -5.40 -1.05
C CYS A 26 -2.13 -6.68 -1.75
N GLU A 27 -3.26 -6.62 -2.44
CA GLU A 27 -3.74 -7.75 -3.20
C GLU A 27 -4.01 -7.32 -4.64
N ALA A 28 -3.51 -8.11 -5.59
CA ALA A 28 -3.54 -7.76 -7.01
C ALA A 28 -2.77 -6.47 -7.24
N LEU A 29 -1.80 -6.23 -6.36
CA LEU A 29 -0.98 -5.03 -6.38
C LEU A 29 -1.83 -3.77 -6.11
N PHE A 30 -2.88 -3.94 -5.32
CA PHE A 30 -3.69 -2.82 -4.86
C PHE A 30 -3.86 -2.87 -3.35
N CYS A 31 -3.81 -1.71 -2.72
CA CYS A 31 -4.06 -1.60 -1.29
C CYS A 31 -5.54 -1.88 -1.04
N GLN A 32 -5.83 -3.00 -0.38
CA GLN A 32 -7.20 -3.46 -0.21
C GLN A 32 -8.01 -2.47 0.61
N GLY A 1 8.10 8.38 -1.61
CA GLY A 1 7.38 8.40 -0.31
C GLY A 1 6.06 7.68 -0.38
N LEU A 2 6.12 6.36 -0.46
CA LEU A 2 4.91 5.53 -0.51
C LEU A 2 5.08 4.31 0.39
N ILE A 3 5.30 4.55 1.67
CA ILE A 3 5.56 3.47 2.61
C ILE A 3 4.60 3.54 3.80
N GLU A 4 4.23 2.37 4.31
CA GLU A 4 3.37 2.24 5.48
C GLU A 4 3.94 3.03 6.66
N SER A 5 3.46 4.26 6.82
CA SER A 5 3.89 5.13 7.90
C SER A 5 2.96 6.34 7.98
N ILE A 6 3.27 7.34 7.18
CA ILE A 6 2.38 8.48 7.00
C ILE A 6 2.14 8.69 5.52
N ALA A 7 3.24 8.74 4.77
CA ALA A 7 3.17 8.84 3.32
C ALA A 7 3.14 7.44 2.71
N CYS A 8 1.99 6.79 2.86
CA CYS A 8 1.78 5.45 2.34
C CYS A 8 0.86 5.51 1.12
N ILE A 9 0.53 4.35 0.59
CA ILE A 9 -0.46 4.27 -0.48
C ILE A 9 -1.82 3.94 0.13
N GLN A 10 -2.85 4.64 -0.34
CA GLN A 10 -4.19 4.52 0.22
C GLN A 10 -4.98 3.39 -0.45
N LYS A 11 -6.09 3.03 0.19
CA LYS A 11 -6.98 1.97 -0.28
C LYS A 11 -7.40 2.20 -1.74
N GLY A 12 -7.31 1.13 -2.52
CA GLY A 12 -7.80 1.17 -3.89
C GLY A 12 -6.74 1.57 -4.90
N LEU A 13 -5.59 2.00 -4.41
CA LEU A 13 -4.53 2.47 -5.30
C LEU A 13 -3.48 1.38 -5.50
N PRO A 14 -2.79 1.40 -6.65
CA PRO A 14 -1.75 0.42 -6.99
C PRO A 14 -0.54 0.49 -6.07
N CYS A 15 -0.04 -0.67 -5.69
CA CYS A 15 1.15 -0.78 -4.85
C CYS A 15 2.18 -1.66 -5.56
N MET A 16 3.36 -1.80 -4.97
CA MET A 16 4.35 -2.74 -5.45
C MET A 16 4.72 -3.73 -4.34
N GLU A 17 4.25 -3.46 -3.13
CA GLU A 17 4.51 -4.33 -1.99
C GLU A 17 3.51 -4.03 -0.87
N HIS A 18 3.29 -5.00 0.01
CA HIS A 18 2.34 -4.86 1.12
C HIS A 18 2.71 -3.67 2.02
N SER A 19 4.01 -3.51 2.22
CA SER A 19 4.55 -2.45 3.07
C SER A 19 4.27 -1.04 2.53
N ASP A 20 3.83 -0.95 1.28
CA ASP A 20 3.54 0.35 0.67
C ASP A 20 2.25 0.95 1.25
N CYS A 21 1.33 0.08 1.62
CA CYS A 21 0.01 0.50 2.07
C CYS A 21 -0.04 0.60 3.59
N CYS A 22 -0.67 1.66 4.11
CA CYS A 22 -0.82 1.85 5.56
C CYS A 22 -1.55 0.69 6.21
N ARG A 23 -2.46 0.07 5.48
CA ARG A 23 -3.23 -1.06 6.00
C ARG A 23 -2.40 -2.34 5.98
N GLY A 24 -1.20 -2.26 5.42
CA GLY A 24 -0.27 -3.38 5.43
C GLY A 24 -0.69 -4.54 4.56
N VAL A 25 -1.79 -4.39 3.84
CA VAL A 25 -2.28 -5.46 2.99
C VAL A 25 -2.54 -4.97 1.58
N CYS A 26 -1.77 -5.49 0.65
CA CYS A 26 -1.95 -5.21 -0.75
C CYS A 26 -2.29 -6.50 -1.49
N GLU A 27 -3.33 -6.49 -2.29
CA GLU A 27 -3.72 -7.67 -3.06
C GLU A 27 -3.88 -7.29 -4.52
N ALA A 28 -3.21 -8.04 -5.39
CA ALA A 28 -3.20 -7.77 -6.83
C ALA A 28 -2.61 -6.40 -7.11
N LEU A 29 -1.60 -6.03 -6.32
CA LEU A 29 -0.95 -4.72 -6.42
C LEU A 29 -1.95 -3.59 -6.21
N PHE A 30 -2.97 -3.84 -5.41
CA PHE A 30 -3.88 -2.80 -4.98
C PHE A 30 -4.03 -2.83 -3.47
N CYS A 31 -3.85 -1.69 -2.84
CA CYS A 31 -3.97 -1.60 -1.39
C CYS A 31 -5.40 -1.91 -0.97
N GLN A 32 -5.55 -2.89 -0.09
CA GLN A 32 -6.86 -3.28 0.40
C GLN A 32 -7.19 -2.53 1.66
N GLY A 1 5.32 6.73 10.01
CA GLY A 1 4.59 7.00 8.75
C GLY A 1 5.53 7.16 7.58
N LEU A 2 4.97 7.44 6.40
CA LEU A 2 5.75 7.67 5.19
C LEU A 2 6.63 6.47 4.87
N ILE A 3 6.01 5.29 4.82
CA ILE A 3 6.74 4.04 4.61
C ILE A 3 7.38 4.01 3.22
N GLU A 4 6.57 3.81 2.20
CA GLU A 4 7.04 3.79 0.82
C GLU A 4 6.91 5.18 0.22
N SER A 5 5.68 5.64 0.13
CA SER A 5 5.41 6.99 -0.36
C SER A 5 5.06 7.90 0.82
N ILE A 6 4.99 9.20 0.55
CA ILE A 6 4.62 10.16 1.57
C ILE A 6 3.19 9.90 2.03
N ALA A 7 3.03 9.63 3.31
CA ALA A 7 1.73 9.31 3.90
C ALA A 7 1.18 7.99 3.37
N CYS A 8 2.10 7.13 2.93
CA CYS A 8 1.81 5.79 2.39
C CYS A 8 0.85 5.85 1.19
N ILE A 9 0.59 4.69 0.61
CA ILE A 9 -0.37 4.57 -0.46
C ILE A 9 -1.75 4.30 0.11
N GLN A 10 -2.76 4.92 -0.49
CA GLN A 10 -4.13 4.83 0.00
C GLN A 10 -4.81 3.55 -0.48
N LYS A 11 -5.91 3.22 0.19
CA LYS A 11 -6.71 2.06 -0.12
C LYS A 11 -7.26 2.13 -1.54
N GLY A 12 -7.18 1.02 -2.27
CA GLY A 12 -7.70 0.97 -3.62
C GLY A 12 -6.71 1.46 -4.66
N LEU A 13 -5.55 1.91 -4.21
CA LEU A 13 -4.52 2.40 -5.11
C LEU A 13 -3.46 1.34 -5.33
N PRO A 14 -2.77 1.38 -6.49
CA PRO A 14 -1.74 0.40 -6.85
C PRO A 14 -0.58 0.36 -5.86
N CYS A 15 -0.17 -0.85 -5.51
CA CYS A 15 0.97 -1.07 -4.64
C CYS A 15 1.76 -2.28 -5.12
N MET A 16 3.03 -2.37 -4.72
CA MET A 16 3.84 -3.51 -5.10
C MET A 16 4.25 -4.31 -3.87
N GLU A 17 4.32 -3.64 -2.73
CA GLU A 17 4.64 -4.29 -1.47
C GLU A 17 3.54 -4.00 -0.44
N HIS A 18 3.39 -4.89 0.53
CA HIS A 18 2.38 -4.73 1.57
C HIS A 18 2.59 -3.41 2.33
N SER A 19 3.84 -3.14 2.68
CA SER A 19 4.21 -1.98 3.47
C SER A 19 3.94 -0.66 2.73
N ASP A 20 3.70 -0.74 1.42
CA ASP A 20 3.43 0.46 0.62
C ASP A 20 2.21 1.19 1.14
N CYS A 21 1.23 0.42 1.62
CA CYS A 21 -0.03 0.96 2.06
C CYS A 21 -0.10 0.95 3.58
N CYS A 22 -0.74 1.98 4.15
CA CYS A 22 -0.94 2.07 5.60
C CYS A 22 -1.71 0.86 6.13
N ARG A 23 -2.44 0.19 5.25
CA ARG A 23 -3.24 -0.96 5.64
C ARG A 23 -2.39 -2.23 5.65
N GLY A 24 -1.17 -2.13 5.11
CA GLY A 24 -0.22 -3.22 5.17
C GLY A 24 -0.63 -4.44 4.37
N VAL A 25 -1.60 -4.29 3.49
CA VAL A 25 -2.07 -5.42 2.71
C VAL A 25 -2.23 -5.06 1.23
N CYS A 26 -1.43 -5.70 0.40
CA CYS A 26 -1.45 -5.46 -1.04
C CYS A 26 -1.85 -6.75 -1.75
N GLU A 27 -2.95 -6.71 -2.50
CA GLU A 27 -3.38 -7.85 -3.30
C GLU A 27 -3.82 -7.37 -4.67
N ALA A 28 -3.40 -8.11 -5.71
CA ALA A 28 -3.64 -7.72 -7.09
C ALA A 28 -2.96 -6.40 -7.40
N LEU A 29 -1.91 -6.11 -6.65
CA LEU A 29 -1.16 -4.86 -6.76
C LEU A 29 -2.04 -3.66 -6.43
N PHE A 30 -3.05 -3.88 -5.59
CA PHE A 30 -3.88 -2.81 -5.07
C PHE A 30 -4.04 -2.98 -3.56
N CYS A 31 -3.99 -1.88 -2.83
CA CYS A 31 -4.15 -1.94 -1.38
C CYS A 31 -5.56 -2.35 -1.04
N GLN A 32 -5.68 -3.46 -0.34
CA GLN A 32 -6.96 -3.99 0.10
C GLN A 32 -7.55 -3.12 1.21
N GLY A 1 5.69 -2.33 9.26
CA GLY A 1 6.72 -1.44 8.70
C GLY A 1 6.28 -0.79 7.40
N LEU A 2 5.16 -0.10 7.44
CA LEU A 2 4.59 0.52 6.24
C LEU A 2 5.22 1.88 5.97
N ILE A 3 4.83 2.49 4.85
CA ILE A 3 5.42 3.74 4.39
C ILE A 3 6.83 3.49 3.86
N GLU A 4 6.90 3.01 2.63
CA GLU A 4 8.19 2.71 2.01
C GLU A 4 8.33 3.42 0.67
N SER A 5 7.23 3.95 0.17
CA SER A 5 7.26 4.60 -1.14
C SER A 5 6.54 5.95 -1.08
N ILE A 6 7.18 6.91 -0.42
CA ILE A 6 6.63 8.25 -0.25
C ILE A 6 5.27 8.18 0.44
N ALA A 7 5.30 8.10 1.77
CA ALA A 7 4.08 7.92 2.57
C ALA A 7 3.46 6.56 2.30
N CYS A 8 2.38 6.25 2.98
CA CYS A 8 1.66 5.03 2.71
C CYS A 8 0.56 5.28 1.69
N ILE A 9 0.39 4.32 0.80
CA ILE A 9 -0.60 4.41 -0.26
C ILE A 9 -1.96 4.01 0.27
N GLN A 10 -2.99 4.71 -0.15
CA GLN A 10 -4.33 4.53 0.38
C GLN A 10 -5.09 3.44 -0.36
N LYS A 11 -6.20 3.01 0.23
CA LYS A 11 -7.03 1.95 -0.32
C LYS A 11 -7.46 2.25 -1.75
N GLY A 12 -7.33 1.26 -2.62
CA GLY A 12 -7.79 1.39 -3.98
C GLY A 12 -6.69 1.78 -4.95
N LEU A 13 -5.55 2.20 -4.42
CA LEU A 13 -4.45 2.64 -5.27
C LEU A 13 -3.41 1.53 -5.41
N PRO A 14 -2.70 1.50 -6.55
CA PRO A 14 -1.71 0.46 -6.86
C PRO A 14 -0.54 0.41 -5.88
N CYS A 15 -0.17 -0.81 -5.50
CA CYS A 15 0.99 -1.04 -4.65
C CYS A 15 1.73 -2.28 -5.14
N MET A 16 2.97 -2.44 -4.74
CA MET A 16 3.75 -3.63 -5.13
C MET A 16 4.31 -4.34 -3.91
N GLU A 17 4.46 -3.61 -2.81
CA GLU A 17 4.87 -4.19 -1.55
C GLU A 17 3.81 -3.85 -0.49
N HIS A 18 3.61 -4.77 0.46
CA HIS A 18 2.60 -4.56 1.51
C HIS A 18 2.90 -3.31 2.31
N SER A 19 4.18 -2.97 2.40
CA SER A 19 4.63 -1.78 3.10
C SER A 19 4.13 -0.50 2.43
N ASP A 20 3.89 -0.58 1.12
CA ASP A 20 3.39 0.58 0.36
C ASP A 20 1.99 0.91 0.84
N CYS A 21 1.16 -0.12 0.94
CA CYS A 21 -0.23 0.04 1.33
C CYS A 21 -0.34 0.37 2.82
N CYS A 22 -1.05 1.45 3.12
CA CYS A 22 -1.22 1.90 4.52
C CYS A 22 -2.02 0.88 5.32
N ARG A 23 -2.72 -0.01 4.61
CA ARG A 23 -3.48 -1.06 5.25
C ARG A 23 -2.58 -2.23 5.63
N GLY A 24 -1.37 -2.25 5.07
CA GLY A 24 -0.43 -3.32 5.33
C GLY A 24 -0.72 -4.56 4.50
N VAL A 25 -1.70 -4.45 3.62
CA VAL A 25 -2.10 -5.57 2.79
C VAL A 25 -2.25 -5.13 1.34
N CYS A 26 -1.40 -5.69 0.50
CA CYS A 26 -1.41 -5.39 -0.91
C CYS A 26 -1.74 -6.65 -1.69
N GLU A 27 -2.88 -6.69 -2.32
CA GLU A 27 -3.30 -7.84 -3.11
C GLU A 27 -3.75 -7.38 -4.48
N ALA A 28 -3.40 -8.16 -5.50
CA ALA A 28 -3.66 -7.80 -6.89
C ALA A 28 -3.03 -6.45 -7.22
N LEU A 29 -1.95 -6.15 -6.50
CA LEU A 29 -1.21 -4.90 -6.65
C LEU A 29 -2.06 -3.68 -6.30
N PHE A 30 -3.04 -3.87 -5.41
CA PHE A 30 -3.85 -2.77 -4.93
C PHE A 30 -3.98 -2.82 -3.41
N CYS A 31 -3.97 -1.64 -2.80
CA CYS A 31 -4.08 -1.51 -1.35
C CYS A 31 -5.50 -1.81 -0.91
N GLN A 32 -5.65 -2.82 -0.07
CA GLN A 32 -6.96 -3.26 0.40
C GLN A 32 -7.34 -2.58 1.71
N GLY A 1 5.09 -1.23 8.17
CA GLY A 1 5.42 -0.57 6.90
C GLY A 1 4.75 0.79 6.76
N LEU A 2 3.61 0.81 6.09
CA LEU A 2 2.84 2.05 5.87
C LEU A 2 3.72 3.14 5.28
N ILE A 3 4.43 2.81 4.21
CA ILE A 3 5.32 3.78 3.58
C ILE A 3 5.69 3.36 2.16
N GLU A 4 5.68 4.33 1.27
CA GLU A 4 6.11 4.15 -0.11
C GLU A 4 6.24 5.53 -0.73
N SER A 5 5.10 6.17 -0.89
CA SER A 5 5.06 7.55 -1.31
C SER A 5 4.89 8.42 -0.07
N ILE A 6 4.59 9.71 -0.25
CA ILE A 6 4.35 10.59 0.87
C ILE A 6 3.16 10.11 1.69
N ALA A 7 3.42 9.77 2.96
CA ALA A 7 2.39 9.30 3.88
C ALA A 7 1.66 8.07 3.33
N CYS A 8 2.46 7.02 3.07
CA CYS A 8 1.98 5.73 2.54
C CYS A 8 1.06 5.85 1.31
N ILE A 9 0.78 4.73 0.69
CA ILE A 9 -0.17 4.69 -0.41
C ILE A 9 -1.57 4.44 0.14
N GLN A 10 -2.51 5.25 -0.30
CA GLN A 10 -3.88 5.18 0.20
C GLN A 10 -4.57 3.91 -0.28
N LYS A 11 -5.53 3.47 0.53
CA LYS A 11 -6.33 2.29 0.25
C LYS A 11 -7.06 2.44 -1.08
N GLY A 12 -7.06 1.37 -1.87
CA GLY A 12 -7.73 1.40 -3.16
C GLY A 12 -6.79 1.78 -4.29
N LEU A 13 -5.56 2.12 -3.96
CA LEU A 13 -4.59 2.53 -4.97
C LEU A 13 -3.60 1.39 -5.24
N PRO A 14 -2.94 1.43 -6.42
CA PRO A 14 -1.93 0.42 -6.79
C PRO A 14 -0.73 0.41 -5.85
N CYS A 15 -0.32 -0.79 -5.48
CA CYS A 15 0.83 -1.00 -4.61
C CYS A 15 1.62 -2.19 -5.11
N MET A 16 2.85 -2.36 -4.64
CA MET A 16 3.68 -3.49 -5.05
C MET A 16 4.00 -4.38 -3.86
N GLU A 17 4.18 -3.77 -2.71
CA GLU A 17 4.47 -4.50 -1.48
C GLU A 17 3.40 -4.20 -0.44
N HIS A 18 3.25 -5.06 0.55
CA HIS A 18 2.25 -4.87 1.59
C HIS A 18 2.52 -3.57 2.36
N SER A 19 3.79 -3.35 2.67
CA SER A 19 4.22 -2.18 3.45
C SER A 19 3.96 -0.86 2.72
N ASP A 20 3.71 -0.92 1.41
CA ASP A 20 3.48 0.28 0.61
C ASP A 20 2.25 1.04 1.09
N CYS A 21 1.18 0.30 1.31
CA CYS A 21 -0.11 0.91 1.59
C CYS A 21 -0.29 1.17 3.08
N CYS A 22 -1.08 2.19 3.38
CA CYS A 22 -1.45 2.53 4.75
C CYS A 22 -2.19 1.36 5.41
N ARG A 23 -2.86 0.55 4.59
CA ARG A 23 -3.60 -0.61 5.08
C ARG A 23 -2.68 -1.78 5.43
N GLY A 24 -1.45 -1.74 4.92
CA GLY A 24 -0.49 -2.80 5.19
C GLY A 24 -0.80 -4.08 4.42
N VAL A 25 -1.80 -4.05 3.56
CA VAL A 25 -2.18 -5.23 2.81
C VAL A 25 -2.34 -4.91 1.32
N CYS A 26 -1.48 -5.54 0.52
CA CYS A 26 -1.51 -5.34 -0.93
C CYS A 26 -1.82 -6.67 -1.61
N GLU A 27 -2.80 -6.65 -2.52
CA GLU A 27 -3.19 -7.83 -3.25
C GLU A 27 -3.47 -7.49 -4.71
N ALA A 28 -2.88 -8.25 -5.63
CA ALA A 28 -3.02 -8.00 -7.06
C ALA A 28 -2.55 -6.59 -7.41
N LEU A 29 -1.53 -6.13 -6.68
CA LEU A 29 -0.96 -4.81 -6.85
C LEU A 29 -1.97 -3.71 -6.51
N PHE A 30 -2.98 -4.06 -5.73
CA PHE A 30 -3.95 -3.09 -5.24
C PHE A 30 -4.14 -3.26 -3.74
N CYS A 31 -4.26 -2.15 -3.04
CA CYS A 31 -4.40 -2.18 -1.60
C CYS A 31 -5.83 -2.51 -1.20
N GLN A 32 -5.97 -3.45 -0.28
CA GLN A 32 -7.28 -3.92 0.17
C GLN A 32 -7.83 -3.06 1.30
N GLY A 1 8.55 1.66 -4.82
CA GLY A 1 7.84 1.98 -3.55
C GLY A 1 7.45 3.43 -3.48
N LEU A 2 7.06 3.88 -2.30
CA LEU A 2 6.67 5.27 -2.11
C LEU A 2 7.36 5.85 -0.89
N ILE A 3 7.06 5.29 0.28
CA ILE A 3 7.65 5.77 1.54
C ILE A 3 7.16 4.94 2.72
N GLU A 4 6.00 4.31 2.54
CA GLU A 4 5.37 3.39 3.53
C GLU A 4 5.27 4.00 4.92
N SER A 5 5.33 5.31 5.00
CA SER A 5 5.25 6.03 6.26
C SER A 5 4.90 7.48 5.98
N ILE A 6 4.11 8.08 6.88
CA ILE A 6 3.61 9.44 6.68
C ILE A 6 2.58 9.47 5.56
N ALA A 7 3.02 9.17 4.35
CA ALA A 7 2.15 9.15 3.20
C ALA A 7 2.13 7.76 2.55
N CYS A 8 1.56 6.80 3.25
CA CYS A 8 1.37 5.46 2.71
C CYS A 8 0.37 5.48 1.57
N ILE A 9 0.35 4.41 0.78
CA ILE A 9 -0.55 4.31 -0.36
C ILE A 9 -1.96 3.98 0.11
N GLN A 10 -2.92 4.78 -0.33
CA GLN A 10 -4.30 4.66 0.13
C GLN A 10 -5.02 3.49 -0.54
N LYS A 11 -6.15 3.12 0.04
CA LYS A 11 -6.97 2.01 -0.45
C LYS A 11 -7.37 2.20 -1.91
N GLY A 12 -7.25 1.13 -2.68
CA GLY A 12 -7.71 1.16 -4.05
C GLY A 12 -6.65 1.66 -5.01
N LEU A 13 -5.50 2.04 -4.49
CA LEU A 13 -4.42 2.53 -5.32
C LEU A 13 -3.37 1.44 -5.52
N PRO A 14 -2.70 1.47 -6.69
CA PRO A 14 -1.71 0.44 -7.06
C PRO A 14 -0.52 0.38 -6.11
N CYS A 15 -0.27 -0.81 -5.59
CA CYS A 15 0.86 -1.06 -4.71
C CYS A 15 1.65 -2.27 -5.22
N MET A 16 2.88 -2.42 -4.76
CA MET A 16 3.70 -3.56 -5.15
C MET A 16 4.28 -4.26 -3.92
N GLU A 17 4.07 -3.66 -2.76
CA GLU A 17 4.58 -4.19 -1.51
C GLU A 17 3.53 -3.97 -0.42
N HIS A 18 3.57 -4.81 0.60
CA HIS A 18 2.60 -4.73 1.67
C HIS A 18 2.79 -3.49 2.52
N SER A 19 4.04 -3.13 2.75
CA SER A 19 4.38 -2.04 3.64
C SER A 19 3.94 -0.67 3.10
N ASP A 20 4.02 -0.46 1.79
CA ASP A 20 3.65 0.82 1.20
C ASP A 20 2.15 1.07 1.33
N CYS A 21 1.37 0.00 1.31
CA CYS A 21 -0.06 0.09 1.56
C CYS A 21 -0.32 0.38 3.03
N CYS A 22 -1.21 1.34 3.27
CA CYS A 22 -1.52 1.83 4.62
C CYS A 22 -1.96 0.71 5.57
N ARG A 23 -2.61 -0.32 5.05
CA ARG A 23 -3.06 -1.41 5.92
C ARG A 23 -2.09 -2.58 5.93
N GLY A 24 -0.96 -2.43 5.25
CA GLY A 24 0.06 -3.45 5.28
C GLY A 24 -0.33 -4.67 4.45
N VAL A 25 -1.32 -4.52 3.59
CA VAL A 25 -1.78 -5.62 2.78
C VAL A 25 -2.01 -5.18 1.33
N CYS A 26 -1.21 -5.75 0.44
CA CYS A 26 -1.28 -5.42 -0.98
C CYS A 26 -1.72 -6.64 -1.78
N GLU A 27 -2.90 -6.57 -2.35
CA GLU A 27 -3.45 -7.69 -3.11
C GLU A 27 -3.87 -7.25 -4.50
N ALA A 28 -3.52 -8.05 -5.50
CA ALA A 28 -3.76 -7.72 -6.91
C ALA A 28 -3.07 -6.42 -7.27
N LEU A 29 -2.01 -6.11 -6.53
CA LEU A 29 -1.26 -4.87 -6.68
C LEU A 29 -2.12 -3.65 -6.36
N PHE A 30 -3.10 -3.82 -5.49
CA PHE A 30 -3.90 -2.71 -5.00
C PHE A 30 -4.00 -2.74 -3.48
N CYS A 31 -3.81 -1.59 -2.85
CA CYS A 31 -3.84 -1.48 -1.40
C CYS A 31 -5.24 -1.80 -0.90
N GLN A 32 -5.34 -2.85 -0.09
CA GLN A 32 -6.62 -3.30 0.40
C GLN A 32 -7.12 -2.38 1.50
N GLY A 1 3.18 7.17 9.44
CA GLY A 1 3.31 7.04 7.97
C GLY A 1 4.76 7.07 7.52
N LEU A 2 5.03 7.89 6.51
CA LEU A 2 6.36 8.02 5.92
C LEU A 2 6.90 6.64 5.50
N ILE A 3 6.14 5.93 4.69
CA ILE A 3 6.57 4.64 4.19
C ILE A 3 7.07 4.77 2.76
N GLU A 4 6.16 5.08 1.86
CA GLU A 4 6.51 5.24 0.45
C GLU A 4 6.07 6.60 -0.07
N SER A 5 4.86 6.70 -0.58
CA SER A 5 4.39 7.93 -1.20
C SER A 5 3.19 8.50 -0.45
N ILE A 6 3.25 9.79 -0.16
CA ILE A 6 2.18 10.48 0.58
C ILE A 6 1.91 9.74 1.89
N ALA A 7 2.99 9.54 2.65
CA ALA A 7 2.96 8.78 3.90
C ALA A 7 2.78 7.28 3.65
N CYS A 8 1.79 6.94 2.85
CA CYS A 8 1.47 5.56 2.54
C CYS A 8 0.46 5.51 1.39
N ILE A 9 0.47 4.42 0.65
CA ILE A 9 -0.45 4.26 -0.46
C ILE A 9 -1.81 3.83 0.08
N GLN A 10 -2.84 4.55 -0.32
CA GLN A 10 -4.16 4.42 0.29
C GLN A 10 -4.99 3.34 -0.42
N LYS A 11 -6.08 2.98 0.24
CA LYS A 11 -6.99 1.94 -0.25
C LYS A 11 -7.41 2.16 -1.70
N GLY A 12 -7.31 1.11 -2.50
CA GLY A 12 -7.77 1.17 -3.87
C GLY A 12 -6.70 1.65 -4.83
N LEU A 13 -5.54 2.00 -4.30
CA LEU A 13 -4.46 2.49 -5.13
C LEU A 13 -3.39 1.42 -5.33
N PRO A 14 -2.72 1.44 -6.50
CA PRO A 14 -1.71 0.43 -6.86
C PRO A 14 -0.49 0.44 -5.94
N CYS A 15 -0.09 -0.74 -5.53
CA CYS A 15 1.11 -0.93 -4.70
C CYS A 15 1.89 -2.13 -5.19
N MET A 16 3.16 -2.23 -4.83
CA MET A 16 3.98 -3.37 -5.23
C MET A 16 4.38 -4.20 -4.02
N GLU A 17 4.42 -3.57 -2.86
CA GLU A 17 4.72 -4.27 -1.62
C GLU A 17 3.64 -3.97 -0.58
N HIS A 18 3.46 -4.89 0.35
CA HIS A 18 2.40 -4.79 1.36
C HIS A 18 2.62 -3.59 2.27
N SER A 19 3.88 -3.25 2.49
CA SER A 19 4.23 -2.11 3.33
C SER A 19 3.87 -0.78 2.65
N ASP A 20 3.87 -0.76 1.32
CA ASP A 20 3.51 0.46 0.57
C ASP A 20 2.10 0.86 0.92
N CYS A 21 1.22 -0.13 0.98
CA CYS A 21 -0.18 0.05 1.33
C CYS A 21 -0.30 0.41 2.80
N CYS A 22 -1.01 1.51 3.07
CA CYS A 22 -1.21 2.00 4.44
C CYS A 22 -1.99 0.99 5.27
N ARG A 23 -2.67 0.07 4.59
CA ARG A 23 -3.44 -0.98 5.26
C ARG A 23 -2.55 -2.17 5.60
N GLY A 24 -1.34 -2.18 5.05
CA GLY A 24 -0.41 -3.27 5.30
C GLY A 24 -0.70 -4.48 4.45
N VAL A 25 -1.66 -4.34 3.55
CA VAL A 25 -2.07 -5.45 2.70
C VAL A 25 -2.22 -5.00 1.24
N CYS A 26 -1.37 -5.56 0.39
CA CYS A 26 -1.42 -5.27 -1.02
C CYS A 26 -1.77 -6.54 -1.78
N GLU A 27 -2.96 -6.57 -2.36
CA GLU A 27 -3.42 -7.73 -3.09
C GLU A 27 -3.82 -7.32 -4.50
N ALA A 28 -3.41 -8.11 -5.48
CA ALA A 28 -3.59 -7.78 -6.89
C ALA A 28 -2.91 -6.44 -7.20
N LEU A 29 -1.86 -6.16 -6.44
CA LEU A 29 -1.11 -4.91 -6.54
C LEU A 29 -1.99 -3.70 -6.23
N PHE A 30 -2.99 -3.90 -5.39
CA PHE A 30 -3.84 -2.81 -4.90
C PHE A 30 -3.95 -2.86 -3.39
N CYS A 31 -3.90 -1.68 -2.77
CA CYS A 31 -4.03 -1.56 -1.33
C CYS A 31 -5.46 -1.86 -0.90
N GLN A 32 -5.62 -2.83 -0.01
CA GLN A 32 -6.95 -3.20 0.48
C GLN A 32 -7.30 -2.41 1.74
N GLY A 1 5.64 -4.07 7.07
CA GLY A 1 5.25 -2.97 7.97
C GLY A 1 4.25 -2.05 7.33
N LEU A 2 4.35 -0.77 7.63
CA LEU A 2 3.46 0.23 7.05
C LEU A 2 4.21 1.54 6.85
N ILE A 3 3.70 2.39 5.97
CA ILE A 3 4.27 3.71 5.71
C ILE A 3 5.65 3.61 5.06
N GLU A 4 5.67 3.69 3.74
CA GLU A 4 6.91 3.60 2.98
C GLU A 4 7.04 4.74 1.98
N SER A 5 6.11 4.79 1.02
CA SER A 5 6.16 5.80 -0.02
C SER A 5 5.00 6.77 0.11
N ILE A 6 5.31 8.05 0.33
CA ILE A 6 4.31 9.10 0.53
C ILE A 6 3.38 8.69 1.67
N ALA A 7 3.94 8.62 2.87
CA ALA A 7 3.25 8.07 4.03
C ALA A 7 2.80 6.64 3.74
N CYS A 8 1.53 6.45 3.48
CA CYS A 8 1.02 5.14 3.11
C CYS A 8 0.05 5.28 1.95
N ILE A 9 0.02 4.27 1.10
CA ILE A 9 -0.84 4.27 -0.07
C ILE A 9 -2.27 3.93 0.34
N GLN A 10 -3.21 4.73 -0.14
CA GLN A 10 -4.61 4.54 0.21
C GLN A 10 -5.22 3.37 -0.56
N LYS A 11 -6.34 2.88 -0.04
CA LYS A 11 -7.06 1.77 -0.65
C LYS A 11 -7.44 2.11 -2.10
N GLY A 12 -7.17 1.16 -2.99
CA GLY A 12 -7.59 1.30 -4.36
C GLY A 12 -6.51 1.83 -5.28
N LEU A 13 -5.33 2.12 -4.73
CA LEU A 13 -4.24 2.60 -5.55
C LEU A 13 -3.24 1.46 -5.81
N PRO A 14 -2.55 1.50 -6.97
CA PRO A 14 -1.59 0.48 -7.36
C PRO A 14 -0.40 0.38 -6.42
N CYS A 15 -0.18 -0.82 -5.91
CA CYS A 15 0.96 -1.10 -5.04
C CYS A 15 1.69 -2.34 -5.54
N MET A 16 2.89 -2.55 -5.06
CA MET A 16 3.64 -3.78 -5.36
C MET A 16 4.28 -4.34 -4.10
N GLU A 17 4.05 -3.69 -2.98
CA GLU A 17 4.61 -4.10 -1.71
C GLU A 17 3.64 -3.79 -0.59
N HIS A 18 3.62 -4.65 0.41
CA HIS A 18 2.63 -4.60 1.48
C HIS A 18 2.85 -3.42 2.42
N SER A 19 4.12 -3.15 2.72
CA SER A 19 4.48 -2.10 3.67
C SER A 19 4.10 -0.71 3.17
N ASP A 20 3.92 -0.55 1.87
CA ASP A 20 3.54 0.74 1.30
C ASP A 20 2.11 1.10 1.68
N CYS A 21 1.28 0.08 1.83
CA CYS A 21 -0.12 0.28 2.16
C CYS A 21 -0.28 0.42 3.67
N CYS A 22 -1.20 1.29 4.09
CA CYS A 22 -1.38 1.65 5.50
C CYS A 22 -1.80 0.47 6.37
N ARG A 23 -2.47 -0.52 5.78
CA ARG A 23 -2.86 -1.71 6.54
C ARG A 23 -1.83 -2.82 6.38
N GLY A 24 -0.75 -2.53 5.69
CA GLY A 24 0.31 -3.50 5.49
C GLY A 24 -0.10 -4.62 4.55
N VAL A 25 -1.13 -4.39 3.76
CA VAL A 25 -1.63 -5.41 2.86
C VAL A 25 -1.81 -4.88 1.43
N CYS A 26 -1.05 -5.46 0.52
CA CYS A 26 -1.14 -5.15 -0.91
C CYS A 26 -1.61 -6.40 -1.65
N GLU A 27 -2.82 -6.35 -2.20
CA GLU A 27 -3.39 -7.50 -2.87
C GLU A 27 -3.87 -7.13 -4.26
N ALA A 28 -3.55 -7.98 -5.24
CA ALA A 28 -3.86 -7.72 -6.64
C ALA A 28 -3.21 -6.43 -7.10
N LEU A 29 -2.10 -6.10 -6.46
CA LEU A 29 -1.36 -4.88 -6.73
C LEU A 29 -2.20 -3.63 -6.43
N PHE A 30 -3.12 -3.76 -5.48
CA PHE A 30 -3.89 -2.63 -5.00
C PHE A 30 -3.99 -2.68 -3.49
N CYS A 31 -3.74 -1.55 -2.85
CA CYS A 31 -3.78 -1.47 -1.39
C CYS A 31 -5.19 -1.75 -0.88
N GLN A 32 -5.29 -2.72 0.01
CA GLN A 32 -6.57 -3.14 0.55
C GLN A 32 -6.96 -2.25 1.72
N GLY A 1 5.33 -2.40 7.26
CA GLY A 1 3.86 -2.27 7.48
C GLY A 1 3.28 -1.05 6.81
N LEU A 2 3.61 0.13 7.33
CA LEU A 2 3.11 1.37 6.77
C LEU A 2 4.27 2.26 6.31
N ILE A 3 4.04 3.01 5.23
CA ILE A 3 5.02 3.99 4.72
C ILE A 3 6.23 3.30 4.10
N GLU A 4 6.30 3.34 2.78
CA GLU A 4 7.39 2.71 2.05
C GLU A 4 7.48 3.26 0.62
N SER A 5 6.33 3.52 0.02
CA SER A 5 6.30 4.04 -1.33
C SER A 5 5.79 5.46 -1.34
N ILE A 6 6.67 6.39 -0.95
CA ILE A 6 6.30 7.80 -0.78
C ILE A 6 5.17 7.90 0.24
N ALA A 7 5.55 7.89 1.52
CA ALA A 7 4.57 7.77 2.60
C ALA A 7 3.83 6.45 2.46
N CYS A 8 2.64 6.33 3.01
CA CYS A 8 1.84 5.14 2.78
C CYS A 8 0.77 5.43 1.74
N ILE A 9 0.57 4.47 0.85
CA ILE A 9 -0.42 4.56 -0.19
C ILE A 9 -1.80 4.25 0.39
N GLN A 10 -2.82 4.92 -0.12
CA GLN A 10 -4.16 4.78 0.40
C GLN A 10 -4.88 3.58 -0.21
N LYS A 11 -5.94 3.16 0.46
CA LYS A 11 -6.75 2.01 0.04
C LYS A 11 -7.32 2.22 -1.36
N GLY A 12 -7.19 1.21 -2.21
CA GLY A 12 -7.75 1.29 -3.54
C GLY A 12 -6.73 1.62 -4.61
N LEU A 13 -5.54 2.07 -4.19
CA LEU A 13 -4.52 2.49 -5.12
C LEU A 13 -3.48 1.39 -5.34
N PRO A 14 -2.79 1.41 -6.50
CA PRO A 14 -1.76 0.41 -6.85
C PRO A 14 -0.60 0.38 -5.86
N CYS A 15 -0.14 -0.83 -5.57
CA CYS A 15 1.01 -1.05 -4.71
C CYS A 15 1.76 -2.29 -5.18
N MET A 16 3.02 -2.44 -4.77
CA MET A 16 3.80 -3.59 -5.19
C MET A 16 4.26 -4.42 -3.99
N GLU A 17 4.13 -3.85 -2.80
CA GLU A 17 4.49 -4.54 -1.58
C GLU A 17 3.55 -4.11 -0.44
N HIS A 18 3.37 -4.96 0.55
CA HIS A 18 2.40 -4.71 1.62
C HIS A 18 2.62 -3.37 2.30
N SER A 19 3.88 -3.10 2.66
CA SER A 19 4.23 -1.91 3.43
C SER A 19 3.95 -0.60 2.67
N ASP A 20 3.72 -0.70 1.36
CA ASP A 20 3.42 0.48 0.55
C ASP A 20 2.16 1.18 1.08
N CYS A 21 1.15 0.40 1.40
CA CYS A 21 -0.15 0.95 1.76
C CYS A 21 -0.26 1.19 3.26
N CYS A 22 -1.09 2.16 3.62
CA CYS A 22 -1.38 2.48 5.02
C CYS A 22 -2.07 1.32 5.72
N ARG A 23 -2.61 0.39 4.94
CA ARG A 23 -3.26 -0.79 5.50
C ARG A 23 -2.26 -1.94 5.69
N GLY A 24 -1.09 -1.80 5.07
CA GLY A 24 -0.07 -2.83 5.17
C GLY A 24 -0.41 -4.11 4.44
N VAL A 25 -1.36 -4.02 3.52
CA VAL A 25 -1.81 -5.19 2.79
C VAL A 25 -2.05 -4.86 1.32
N CYS A 26 -1.28 -5.50 0.45
CA CYS A 26 -1.41 -5.28 -0.98
C CYS A 26 -1.84 -6.57 -1.66
N GLU A 27 -2.92 -6.51 -2.44
CA GLU A 27 -3.43 -7.67 -3.15
C GLU A 27 -3.77 -7.30 -4.59
N ALA A 28 -3.26 -8.08 -5.54
CA ALA A 28 -3.46 -7.82 -6.96
C ALA A 28 -2.85 -6.48 -7.36
N LEU A 29 -1.79 -6.11 -6.66
CA LEU A 29 -1.11 -4.83 -6.86
C LEU A 29 -2.02 -3.66 -6.55
N PHE A 30 -3.00 -3.89 -5.69
CA PHE A 30 -3.85 -2.84 -5.18
C PHE A 30 -4.05 -3.01 -3.69
N CYS A 31 -4.08 -1.92 -2.95
CA CYS A 31 -4.34 -2.01 -1.54
C CYS A 31 -5.81 -2.34 -1.32
N GLN A 32 -6.06 -3.41 -0.54
CA GLN A 32 -7.40 -3.96 -0.36
C GLN A 32 -8.41 -2.89 0.07
N GLY A 1 10.42 -0.19 6.88
CA GLY A 1 9.07 -0.83 6.86
C GLY A 1 7.96 0.20 6.88
N LEU A 2 7.03 0.06 5.94
CA LEU A 2 5.88 0.97 5.80
C LEU A 2 6.32 2.32 5.22
N ILE A 3 5.38 2.98 4.54
CA ILE A 3 5.62 4.30 3.96
C ILE A 3 6.62 4.21 2.79
N GLU A 4 6.11 3.93 1.62
CA GLU A 4 6.89 4.04 0.39
C GLU A 4 6.45 5.29 -0.35
N SER A 5 5.51 5.99 0.27
CA SER A 5 4.93 7.19 -0.27
C SER A 5 4.52 8.07 0.90
N ILE A 6 4.29 9.35 0.64
CA ILE A 6 3.90 10.29 1.69
C ILE A 6 2.62 9.83 2.37
N ALA A 7 2.76 9.42 3.63
CA ALA A 7 1.65 8.91 4.42
C ALA A 7 1.02 7.68 3.76
N CYS A 8 1.89 6.73 3.41
CA CYS A 8 1.51 5.43 2.80
C CYS A 8 0.60 5.58 1.57
N ILE A 9 0.36 4.47 0.89
CA ILE A 9 -0.52 4.47 -0.27
C ILE A 9 -1.93 4.12 0.14
N GLN A 10 -2.87 4.95 -0.30
CA GLN A 10 -4.26 4.85 0.09
C GLN A 10 -4.93 3.60 -0.47
N LYS A 11 -5.94 3.14 0.26
CA LYS A 11 -6.76 2.01 -0.14
C LYS A 11 -7.38 2.26 -1.50
N GLY A 12 -7.23 1.29 -2.39
CA GLY A 12 -7.78 1.42 -3.73
C GLY A 12 -6.72 1.77 -4.75
N LEU A 13 -5.54 2.15 -4.29
CA LEU A 13 -4.47 2.55 -5.19
C LEU A 13 -3.44 1.43 -5.36
N PRO A 14 -2.75 1.39 -6.51
CA PRO A 14 -1.75 0.36 -6.82
C PRO A 14 -0.56 0.40 -5.88
N CYS A 15 -0.11 -0.79 -5.49
CA CYS A 15 1.06 -0.94 -4.64
C CYS A 15 1.68 -2.31 -4.90
N MET A 16 3.00 -2.35 -5.06
CA MET A 16 3.68 -3.60 -5.41
C MET A 16 4.32 -4.24 -4.20
N GLU A 17 4.04 -3.70 -3.04
CA GLU A 17 4.56 -4.22 -1.79
C GLU A 17 3.60 -3.88 -0.66
N HIS A 18 3.35 -4.87 0.19
CA HIS A 18 2.37 -4.76 1.28
C HIS A 18 2.59 -3.55 2.17
N SER A 19 3.85 -3.18 2.36
CA SER A 19 4.20 -2.09 3.25
C SER A 19 3.87 -0.72 2.65
N ASP A 20 3.63 -0.70 1.34
CA ASP A 20 3.22 0.54 0.67
C ASP A 20 1.81 0.92 1.10
N CYS A 21 0.93 -0.07 1.09
CA CYS A 21 -0.47 0.12 1.47
C CYS A 21 -0.59 0.47 2.94
N CYS A 22 -1.40 1.49 3.22
CA CYS A 22 -1.67 1.94 4.58
C CYS A 22 -2.18 0.81 5.47
N ARG A 23 -2.83 -0.17 4.86
CA ARG A 23 -3.39 -1.29 5.60
C ARG A 23 -2.36 -2.39 5.81
N GLY A 24 -1.20 -2.26 5.17
CA GLY A 24 -0.14 -3.23 5.32
C GLY A 24 -0.36 -4.46 4.46
N VAL A 25 -1.38 -4.41 3.62
CA VAL A 25 -1.74 -5.54 2.78
C VAL A 25 -2.11 -5.09 1.36
N CYS A 26 -1.31 -5.55 0.41
CA CYS A 26 -1.54 -5.25 -1.00
C CYS A 26 -1.98 -6.52 -1.73
N GLU A 27 -3.16 -6.48 -2.33
CA GLU A 27 -3.70 -7.62 -3.05
C GLU A 27 -3.93 -7.23 -4.51
N ALA A 28 -3.45 -8.07 -5.41
CA ALA A 28 -3.52 -7.80 -6.85
C ALA A 28 -2.82 -6.49 -7.19
N LEU A 29 -1.76 -6.21 -6.43
CA LEU A 29 -0.99 -4.97 -6.58
C LEU A 29 -1.84 -3.74 -6.29
N PHE A 30 -2.80 -3.89 -5.39
CA PHE A 30 -3.61 -2.77 -4.92
C PHE A 30 -3.76 -2.81 -3.41
N CYS A 31 -3.77 -1.64 -2.79
CA CYS A 31 -4.02 -1.54 -1.36
C CYS A 31 -5.48 -1.92 -1.11
N GLN A 32 -5.68 -3.06 -0.46
CA GLN A 32 -7.01 -3.67 -0.33
C GLN A 32 -8.07 -2.69 0.16
#